data_3G1W
#
_entry.id   3G1W
#
_cell.length_a   60.457
_cell.length_b   87.864
_cell.length_c   113.582
_cell.angle_alpha   90.00
_cell.angle_beta   90.00
_cell.angle_gamma   90.00
#
_symmetry.space_group_name_H-M   'P 21 21 21'
#
loop_
_entity.id
_entity.type
_entity.pdbx_description
1 polymer 'Sugar ABC transporter'
2 water water
#
_entity_poly.entity_id   1
_entity_poly.type   'polypeptide(L)'
_entity_poly.pdbx_seq_one_letter_code
;(MSE)SLNETY(MSE)(MSE)ITFQSG(MSE)DYWKRCLKGFEDAAQALNVTVEYRGAAQYDIQEQITVLEQAIAKNPAG
IAISAIDPVELTDTINKAVDAGIPIVLFDSGAPDSHAHSFLGTNNYNAG(MSE)NAAYK(MSE)AELLDGEGEVAVITLP
NQLNHQERTTGFKETLEAEFPAIEVIAVEDGRGDSLHSRRVAHQLLEDYPNLAGIFATEANGGVGVGDAVRLESRAGEIQ
IISFDTDKGTLDLVDEGIISATLAQGTWN(MSE)GYWSLTYLFHLHHGLTEPQILQTREEAPLPLYVDTGITIVTDENVD
YYYADEGHHHHHH
;
_entity_poly.pdbx_strand_id   A,B
#
# COMPACT_ATOMS: atom_id res chain seq x y z
N GLU A 5 -29.16 8.29 -5.30
CA GLU A 5 -27.80 7.67 -5.15
C GLU A 5 -26.75 8.70 -4.71
N THR A 6 -26.50 8.73 -3.42
CA THR A 6 -25.71 9.77 -2.79
C THR A 6 -24.61 9.09 -2.01
N TYR A 7 -23.37 9.57 -2.20
CA TYR A 7 -22.17 9.09 -1.51
C TYR A 7 -21.69 10.15 -0.50
N MSE A 8 -21.34 9.72 0.69
CA MSE A 8 -21.08 10.67 1.75
C MSE A 8 -19.62 10.70 2.17
O MSE A 8 -18.99 9.66 2.33
CB MSE A 8 -21.99 10.35 2.94
CG MSE A 8 -23.48 10.53 2.60
SE MSE A 8 -24.42 10.22 4.27
CE MSE A 8 -24.12 12.03 4.97
N MSE A 9 -19.08 11.91 2.29
CA MSE A 9 -17.70 12.01 2.77
C MSE A 9 -17.71 12.48 4.23
O MSE A 9 -18.39 13.48 4.56
CB MSE A 9 -16.90 12.95 1.86
CG MSE A 9 -15.46 13.20 2.39
SE MSE A 9 -14.31 14.35 1.21
CE MSE A 9 -13.51 12.81 0.16
N ILE A 10 -16.97 11.82 5.12
CA ILE A 10 -17.04 12.19 6.51
C ILE A 10 -15.64 12.54 7.02
N THR A 11 -15.51 13.73 7.62
CA THR A 11 -14.19 14.20 8.08
C THR A 11 -14.18 14.54 9.56
N PHE A 12 -13.07 15.13 10.01
CA PHE A 12 -12.98 15.76 11.33
C PHE A 12 -12.36 17.18 11.17
N GLN A 13 -12.56 18.04 12.17
CA GLN A 13 -12.11 19.45 12.01
C GLN A 13 -12.57 19.85 10.63
N SER A 14 -13.86 19.55 10.34
CA SER A 14 -14.44 19.59 9.00
C SER A 14 -14.27 20.86 8.17
N GLY A 15 -14.08 22.00 8.79
CA GLY A 15 -13.91 23.24 8.00
C GLY A 15 -12.50 23.50 7.47
N MSE A 16 -11.56 22.66 7.90
CA MSE A 16 -10.14 22.83 7.56
C MSE A 16 -9.88 22.78 6.02
O MSE A 16 -10.57 22.04 5.33
CB MSE A 16 -9.44 21.72 8.33
CG MSE A 16 -8.03 21.66 8.20
SE MSE A 16 -7.32 20.42 9.56
CE MSE A 16 -7.87 21.43 11.13
N ASP A 17 -8.93 23.55 5.47
CA ASP A 17 -8.64 23.59 4.01
C ASP A 17 -8.18 22.25 3.41
N TYR A 18 -7.48 21.46 4.22
CA TYR A 18 -6.99 20.19 3.71
C TYR A 18 -8.13 19.43 3.03
N TRP A 19 -9.35 19.44 3.58
CA TRP A 19 -10.39 18.60 3.01
C TRP A 19 -10.91 19.07 1.68
N LYS A 20 -10.59 20.31 1.29
CA LYS A 20 -11.25 20.87 0.10
C LYS A 20 -10.84 20.12 -1.14
N ARG A 21 -9.60 19.68 -1.21
CA ARG A 21 -9.17 18.98 -2.42
C ARG A 21 -9.64 17.52 -2.39
N CYS A 22 -9.80 16.96 -1.20
CA CYS A 22 -10.40 15.61 -1.01
C CYS A 22 -11.78 15.65 -1.57
N LEU A 23 -12.59 16.58 -1.05
CA LEU A 23 -13.92 16.77 -1.58
C LEU A 23 -14.01 16.99 -3.09
N LYS A 24 -13.12 17.82 -3.65
CA LYS A 24 -13.10 18.06 -5.10
C LYS A 24 -12.91 16.78 -5.97
N GLY A 25 -11.99 15.89 -5.54
CA GLY A 25 -11.77 14.64 -6.26
C GLY A 25 -13.06 13.82 -6.22
N PHE A 26 -13.66 13.80 -5.03
CA PHE A 26 -14.88 13.10 -4.70
C PHE A 26 -16.01 13.61 -5.62
N GLU A 27 -16.11 14.93 -5.82
CA GLU A 27 -17.15 15.51 -6.71
C GLU A 27 -16.80 15.35 -8.17
N ASP A 28 -15.49 15.32 -8.49
CA ASP A 28 -15.07 15.04 -9.89
C ASP A 28 -15.47 13.59 -10.29
N ALA A 29 -15.14 12.59 -9.47
CA ALA A 29 -15.62 11.22 -9.73
C ALA A 29 -17.18 11.17 -9.83
N ALA A 30 -17.90 11.85 -8.92
CA ALA A 30 -19.36 11.75 -8.88
C ALA A 30 -19.96 12.41 -10.09
N GLN A 31 -19.32 13.47 -10.61
CA GLN A 31 -19.84 14.16 -11.81
C GLN A 31 -19.68 13.21 -12.98
N ALA A 32 -18.46 12.66 -13.09
CA ALA A 32 -18.16 11.61 -14.02
C ALA A 32 -19.22 10.47 -13.95
N LEU A 33 -19.67 10.10 -12.73
CA LEU A 33 -20.46 8.85 -12.59
C LEU A 33 -21.96 9.16 -12.53
N ASN A 34 -22.30 10.46 -12.66
CA ASN A 34 -23.65 11.01 -12.51
C ASN A 34 -24.35 10.64 -11.20
N VAL A 35 -23.65 10.76 -10.08
CA VAL A 35 -24.25 10.51 -8.77
C VAL A 35 -24.04 11.75 -7.85
N THR A 36 -24.66 11.74 -6.67
CA THR A 36 -24.60 12.87 -5.74
C THR A 36 -23.66 12.64 -4.56
N VAL A 37 -23.06 13.73 -4.04
CA VAL A 37 -22.23 13.60 -2.81
C VAL A 37 -22.74 14.52 -1.68
N GLU A 38 -22.50 14.15 -0.44
CA GLU A 38 -22.81 15.00 0.70
C GLU A 38 -21.57 15.02 1.58
N TYR A 39 -21.18 16.20 2.04
CA TYR A 39 -20.03 16.41 2.87
C TYR A 39 -20.46 16.63 4.31
N ARG A 40 -19.76 15.95 5.22
CA ARG A 40 -20.06 16.00 6.64
C ARG A 40 -18.76 15.88 7.38
N GLY A 41 -18.78 16.24 8.67
CA GLY A 41 -17.65 15.98 9.57
C GLY A 41 -17.95 16.63 10.89
N ALA A 42 -17.28 16.11 11.94
CA ALA A 42 -17.08 16.74 13.22
C ALA A 42 -16.41 18.10 13.01
N ALA A 43 -17.02 19.18 13.53
CA ALA A 43 -16.46 20.51 13.42
C ALA A 43 -15.22 20.64 14.25
N GLN A 44 -15.13 19.90 15.34
CA GLN A 44 -13.93 19.97 16.13
C GLN A 44 -13.15 18.70 15.98
N TYR A 45 -12.01 18.68 16.67
CA TYR A 45 -11.16 17.55 16.75
C TYR A 45 -11.66 16.80 17.98
N ASP A 46 -12.75 16.05 17.81
CA ASP A 46 -13.46 15.39 18.89
C ASP A 46 -13.98 14.02 18.42
N ILE A 47 -13.54 12.96 19.08
CA ILE A 47 -13.89 11.58 18.74
C ILE A 47 -15.39 11.30 18.84
N GLN A 48 -16.03 11.67 19.96
CA GLN A 48 -17.47 11.38 20.16
C GLN A 48 -18.35 12.15 19.15
N GLU A 49 -17.90 13.30 18.73
CA GLU A 49 -18.61 14.11 17.70
C GLU A 49 -18.48 13.44 16.34
N GLN A 50 -17.33 12.80 16.04
CA GLN A 50 -17.18 12.05 14.76
C GLN A 50 -17.97 10.76 14.81
N ILE A 51 -17.96 10.07 15.96
CA ILE A 51 -18.88 8.96 16.12
C ILE A 51 -20.35 9.34 15.84
N THR A 52 -20.82 10.47 16.35
CA THR A 52 -22.20 10.93 16.11
C THR A 52 -22.49 11.18 14.64
N VAL A 53 -21.55 11.85 13.99
CA VAL A 53 -21.64 12.12 12.55
C VAL A 53 -21.72 10.80 11.74
N LEU A 54 -20.85 9.86 12.07
CA LEU A 54 -20.86 8.61 11.33
C LEU A 54 -22.19 7.84 11.60
N GLU A 55 -22.57 7.72 12.86
CA GLU A 55 -23.83 7.13 13.29
C GLU A 55 -25.01 7.74 12.49
N GLN A 56 -24.97 9.05 12.36
CA GLN A 56 -26.02 9.78 11.64
C GLN A 56 -26.00 9.42 10.16
N ALA A 57 -24.80 9.17 9.61
CA ALA A 57 -24.65 8.79 8.18
C ALA A 57 -25.22 7.41 7.83
N ILE A 58 -24.86 6.45 8.69
CA ILE A 58 -25.39 5.09 8.70
C ILE A 58 -26.93 5.08 8.72
N ALA A 59 -27.54 5.88 9.62
CA ALA A 59 -28.98 6.04 9.69
C ALA A 59 -29.62 6.54 8.37
N LYS A 60 -28.90 7.28 7.55
CA LYS A 60 -29.56 7.66 6.30
C LYS A 60 -29.37 6.61 5.20
N ASN A 61 -28.57 5.59 5.54
CA ASN A 61 -28.35 4.47 4.66
C ASN A 61 -27.93 4.94 3.23
N PRO A 62 -26.80 5.68 3.10
CA PRO A 62 -26.43 6.21 1.76
C PRO A 62 -25.91 5.06 0.83
N ALA A 63 -25.61 5.39 -0.42
CA ALA A 63 -24.98 4.43 -1.34
C ALA A 63 -23.52 4.08 -0.92
N GLY A 64 -22.82 4.98 -0.22
CA GLY A 64 -21.54 4.59 0.39
C GLY A 64 -20.97 5.73 1.19
N ILE A 65 -20.00 5.39 2.02
CA ILE A 65 -19.34 6.37 2.93
C ILE A 65 -17.86 6.30 2.78
N ALA A 66 -17.23 7.47 2.68
CA ALA A 66 -15.74 7.60 2.71
C ALA A 66 -15.45 8.41 3.92
N ILE A 67 -14.63 7.92 4.84
CA ILE A 67 -14.40 8.61 6.09
C ILE A 67 -12.90 8.62 6.43
N SER A 68 -12.38 9.77 6.89
CA SER A 68 -11.06 9.84 7.50
C SER A 68 -11.27 9.70 8.99
N ALA A 69 -10.79 8.62 9.57
CA ALA A 69 -11.08 8.32 10.96
C ALA A 69 -10.24 9.21 11.87
N ILE A 70 -10.88 9.85 12.85
CA ILE A 70 -10.12 10.72 13.75
C ILE A 70 -9.14 9.95 14.62
N ASP A 71 -9.46 8.67 14.83
CA ASP A 71 -8.62 7.82 15.66
C ASP A 71 -8.57 6.46 15.00
N PRO A 72 -7.39 5.81 15.02
CA PRO A 72 -7.29 4.50 14.42
C PRO A 72 -8.09 3.40 15.16
N VAL A 73 -8.45 3.63 16.41
CA VAL A 73 -9.12 2.56 17.18
C VAL A 73 -10.50 2.96 17.71
N GLU A 74 -10.68 4.21 18.10
CA GLU A 74 -11.88 4.52 18.83
C GLU A 74 -13.05 4.74 17.87
N LEU A 75 -12.80 4.69 16.56
CA LEU A 75 -13.95 4.77 15.60
C LEU A 75 -14.38 3.41 15.04
N THR A 76 -13.60 2.37 15.33
CA THR A 76 -13.76 1.07 14.72
C THR A 76 -15.13 0.40 14.89
N ASP A 77 -15.66 0.43 16.11
CA ASP A 77 -16.96 -0.10 16.38
C ASP A 77 -18.04 0.59 15.53
N THR A 78 -17.94 1.89 15.34
CA THR A 78 -18.92 2.59 14.48
C THR A 78 -18.73 2.25 12.97
N ILE A 79 -17.48 2.12 12.55
CA ILE A 79 -17.16 1.74 11.15
C ILE A 79 -17.73 0.36 10.84
N ASN A 80 -17.53 -0.58 11.76
CA ASN A 80 -17.98 -1.95 11.54
C ASN A 80 -19.50 -1.98 11.49
N LYS A 81 -20.09 -1.04 12.14
CA LYS A 81 -21.55 -0.90 12.18
C LYS A 81 -22.04 -0.64 10.78
N ALA A 82 -21.38 0.27 10.08
CA ALA A 82 -21.72 0.62 8.70
C ALA A 82 -21.62 -0.64 7.85
N VAL A 83 -20.47 -1.30 7.97
CA VAL A 83 -20.16 -2.56 7.27
C VAL A 83 -21.26 -3.60 7.52
N ASP A 84 -21.49 -3.88 8.82
CA ASP A 84 -22.59 -4.76 9.25
C ASP A 84 -23.91 -4.32 8.66
N ALA A 85 -24.14 -3.02 8.47
CA ALA A 85 -25.41 -2.56 7.92
C ALA A 85 -25.51 -2.68 6.42
N GLY A 86 -24.45 -3.21 5.78
CA GLY A 86 -24.35 -3.40 4.31
C GLY A 86 -24.09 -2.13 3.50
N ILE A 87 -23.55 -1.10 4.14
CA ILE A 87 -23.18 0.14 3.47
C ILE A 87 -21.71 0.02 2.97
N PRO A 88 -21.47 0.30 1.69
CA PRO A 88 -20.07 0.39 1.23
C PRO A 88 -19.33 1.49 2.05
N ILE A 89 -18.16 1.16 2.61
CA ILE A 89 -17.41 2.17 3.36
C ILE A 89 -15.92 1.95 3.19
N VAL A 90 -15.24 3.05 2.87
CA VAL A 90 -13.81 3.06 2.71
C VAL A 90 -13.25 4.10 3.65
N LEU A 91 -12.03 3.87 4.11
CA LEU A 91 -11.24 4.87 4.80
C LEU A 91 -10.39 5.68 3.81
N PHE A 92 -10.20 6.99 4.07
CA PHE A 92 -9.26 7.83 3.34
C PHE A 92 -8.57 8.78 4.29
N ASP A 93 -7.36 9.15 3.89
CA ASP A 93 -6.47 10.03 4.63
C ASP A 93 -5.93 9.41 5.91
N SER A 94 -6.81 9.12 6.87
CA SER A 94 -6.35 8.42 8.13
C SER A 94 -7.19 7.16 8.31
N GLY A 95 -6.55 6.07 8.64
CA GLY A 95 -7.19 4.77 8.68
C GLY A 95 -7.60 4.23 10.03
N ALA A 96 -7.95 2.96 10.04
CA ALA A 96 -8.40 2.22 11.22
C ALA A 96 -8.14 0.77 10.82
N PRO A 97 -6.87 0.34 10.93
CA PRO A 97 -6.42 -0.93 10.32
C PRO A 97 -7.14 -2.19 10.82
N ASP A 98 -7.61 -2.15 12.08
CA ASP A 98 -8.30 -3.29 12.68
C ASP A 98 -9.77 -3.31 12.36
N SER A 99 -10.29 -2.28 11.69
CA SER A 99 -11.73 -2.23 11.34
C SER A 99 -11.97 -3.11 10.14
N HIS A 100 -13.21 -3.20 9.73
CA HIS A 100 -13.68 -4.05 8.64
C HIS A 100 -14.07 -3.25 7.39
N ALA A 101 -13.65 -1.99 7.31
CA ALA A 101 -13.86 -1.16 6.13
C ALA A 101 -13.25 -1.86 4.86
N HIS A 102 -13.75 -1.51 3.69
CA HIS A 102 -13.50 -2.25 2.46
C HIS A 102 -12.22 -1.89 1.71
N SER A 103 -11.63 -0.74 2.03
CA SER A 103 -10.35 -0.26 1.51
C SER A 103 -9.82 0.90 2.38
N PHE A 104 -8.51 1.21 2.25
CA PHE A 104 -7.95 2.49 2.76
C PHE A 104 -7.22 3.17 1.65
N LEU A 105 -7.51 4.45 1.45
CA LEU A 105 -6.88 5.25 0.39
C LEU A 105 -6.16 6.43 0.99
N GLY A 106 -4.83 6.44 0.94
CA GLY A 106 -4.10 7.58 1.47
C GLY A 106 -2.63 7.41 1.47
N THR A 107 -1.96 8.29 2.22
CA THR A 107 -0.50 8.36 2.28
C THR A 107 0.14 7.19 3.00
N ASN A 108 1.28 6.75 2.47
CA ASN A 108 2.09 5.75 3.17
C ASN A 108 3.01 6.62 4.00
N ASN A 109 2.71 6.76 5.28
CA ASN A 109 3.32 7.78 6.06
C ASN A 109 4.75 7.44 6.33
N TYR A 110 5.09 6.15 6.37
CA TYR A 110 6.51 5.78 6.53
C TYR A 110 7.30 6.23 5.34
N ASN A 111 6.80 5.88 4.15
CA ASN A 111 7.42 6.34 2.90
C ASN A 111 7.48 7.84 2.75
N ALA A 112 6.43 8.54 3.17
CA ALA A 112 6.43 10.04 3.25
C ALA A 112 7.67 10.54 4.06
N GLY A 113 7.96 9.93 5.18
CA GLY A 113 9.09 10.31 5.99
C GLY A 113 10.40 9.98 5.31
N MSE A 114 10.38 8.91 4.56
CA MSE A 114 11.51 8.51 3.73
C MSE A 114 11.78 9.50 2.59
O MSE A 114 12.93 9.83 2.34
CB MSE A 114 11.27 7.12 3.16
CG MSE A 114 12.21 6.72 1.98
SE MSE A 114 11.74 4.90 1.33
CE MSE A 114 10.46 5.50 -0.10
N ASN A 115 10.72 9.90 1.88
CA ASN A 115 10.81 10.99 0.94
C ASN A 115 11.40 12.30 1.51
N ALA A 116 10.92 12.70 2.69
CA ALA A 116 11.50 13.83 3.38
C ALA A 116 13.00 13.60 3.73
N ALA A 117 13.38 12.43 4.23
CA ALA A 117 14.84 12.14 4.43
C ALA A 117 15.71 12.36 3.18
N TYR A 118 15.23 11.94 2.02
CA TYR A 118 16.04 12.07 0.81
C TYR A 118 16.11 13.50 0.37
N LYS A 119 14.98 14.20 0.52
CA LYS A 119 14.96 15.61 0.20
C LYS A 119 15.85 16.40 1.13
N MSE A 120 15.80 16.12 2.44
CA MSE A 120 16.72 16.72 3.39
C MSE A 120 18.19 16.53 3.04
O MSE A 120 18.97 17.41 3.22
CB MSE A 120 16.52 16.14 4.78
CG MSE A 120 17.22 16.94 5.90
SE MSE A 120 16.60 18.88 6.07
CE MSE A 120 15.02 18.55 7.19
N ALA A 121 18.57 15.34 2.58
CA ALA A 121 19.96 14.95 2.34
C ALA A 121 20.53 15.68 1.14
N GLU A 122 19.66 15.87 0.17
CA GLU A 122 19.89 16.72 -0.97
C GLU A 122 20.09 18.20 -0.56
N LEU A 123 19.30 18.73 0.39
CA LEU A 123 19.38 20.17 0.76
C LEU A 123 20.63 20.42 1.58
N LEU A 124 21.11 19.37 2.25
CA LEU A 124 22.27 19.45 3.14
C LEU A 124 23.52 18.85 2.56
N ASP A 125 23.48 18.49 1.29
CA ASP A 125 24.61 17.73 0.69
C ASP A 125 25.04 16.50 1.45
N GLY A 126 24.10 15.71 1.90
CA GLY A 126 24.46 14.45 2.56
C GLY A 126 25.04 14.49 3.96
N GLU A 127 25.22 15.69 4.53
CA GLU A 127 25.65 15.81 5.94
C GLU A 127 25.06 16.97 6.75
N GLY A 128 25.12 16.83 8.07
CA GLY A 128 24.63 17.85 9.03
C GLY A 128 23.75 17.32 10.15
N GLU A 129 23.44 18.14 11.16
CA GLU A 129 22.48 17.78 12.21
C GLU A 129 21.05 18.23 11.87
N VAL A 130 20.08 17.34 12.14
CA VAL A 130 18.67 17.63 11.88
C VAL A 130 17.82 17.35 13.14
N ALA A 131 16.66 18.02 13.20
CA ALA A 131 15.65 17.78 14.22
C ALA A 131 14.28 17.48 13.58
N VAL A 132 13.44 16.76 14.32
CA VAL A 132 12.03 16.59 13.96
C VAL A 132 11.07 17.27 14.93
N ILE A 133 10.08 17.97 14.38
CA ILE A 133 8.95 18.45 15.19
C ILE A 133 7.70 17.68 14.76
N THR A 134 7.12 16.88 15.66
CA THR A 134 6.06 15.96 15.25
C THR A 134 4.96 15.91 16.31
N LEU A 135 4.05 14.94 16.19
CA LEU A 135 3.01 14.65 17.23
C LEU A 135 3.26 13.25 17.77
N PRO A 136 3.90 13.15 18.93
CA PRO A 136 4.46 11.83 19.32
C PRO A 136 3.43 10.71 19.60
N ASN A 137 2.19 11.10 19.86
CA ASN A 137 1.15 10.13 20.19
C ASN A 137 0.23 9.77 19.00
N GLN A 138 0.38 10.46 17.87
CA GLN A 138 -0.37 10.08 16.67
C GLN A 138 0.40 9.14 15.76
N LEU A 139 -0.29 8.10 15.31
CA LEU A 139 0.35 7.00 14.66
C LEU A 139 0.90 7.37 13.30
N ASN A 140 0.18 8.23 12.57
CA ASN A 140 0.63 8.67 11.24
C ASN A 140 1.89 9.57 11.34
N HIS A 141 1.96 10.40 12.36
CA HIS A 141 3.15 11.22 12.62
C HIS A 141 4.31 10.38 13.11
N GLN A 142 4.00 9.31 13.83
CA GLN A 142 5.06 8.42 14.34
C GLN A 142 5.74 7.67 13.20
N GLU A 143 4.92 7.24 12.26
CA GLU A 143 5.42 6.58 11.03
C GLU A 143 6.26 7.53 10.16
N ARG A 144 5.72 8.74 9.92
CA ARG A 144 6.51 9.82 9.32
C ARG A 144 7.91 9.98 9.97
N THR A 145 7.96 10.05 11.29
CA THR A 145 9.20 10.31 11.98
C THR A 145 10.17 9.12 11.89
N THR A 146 9.61 7.90 11.94
CA THR A 146 10.35 6.63 11.83
C THR A 146 10.89 6.43 10.39
N GLY A 147 10.05 6.68 9.38
CA GLY A 147 10.55 6.71 8.02
C GLY A 147 11.73 7.64 7.75
N PHE A 148 11.61 8.86 8.26
CA PHE A 148 12.69 9.84 8.16
C PHE A 148 13.97 9.32 8.87
N LYS A 149 13.85 9.06 10.17
CA LYS A 149 14.97 8.61 10.99
C LYS A 149 15.61 7.38 10.45
N GLU A 150 14.81 6.35 10.20
CA GLU A 150 15.35 5.09 9.67
C GLU A 150 15.98 5.24 8.31
N THR A 151 15.42 6.07 7.44
CA THR A 151 16.06 6.30 6.15
C THR A 151 17.45 6.96 6.27
N LEU A 152 17.61 7.87 7.24
CA LEU A 152 18.85 8.63 7.39
C LEU A 152 19.91 7.71 8.04
N GLU A 153 19.53 6.97 9.09
CA GLU A 153 20.44 5.97 9.75
C GLU A 153 20.93 4.94 8.75
N ALA A 154 20.05 4.57 7.80
CA ALA A 154 20.38 3.59 6.78
C ALA A 154 21.19 4.17 5.65
N GLU A 155 20.78 5.29 5.06
CA GLU A 155 21.45 5.75 3.81
C GLU A 155 22.40 6.97 3.95
N PHE A 156 22.41 7.64 5.11
CA PHE A 156 23.13 8.94 5.28
C PHE A 156 23.74 9.01 6.69
N PRO A 157 24.86 8.34 6.88
CA PRO A 157 25.42 8.27 8.21
C PRO A 157 26.06 9.60 8.67
N ALA A 158 26.29 10.52 7.72
CA ALA A 158 26.86 11.83 8.03
C ALA A 158 25.80 12.89 8.38
N ILE A 159 24.53 12.56 8.16
CA ILE A 159 23.42 13.37 8.70
C ILE A 159 22.98 12.70 10.02
N GLU A 160 22.86 13.46 11.10
CA GLU A 160 22.46 12.89 12.43
C GLU A 160 21.18 13.57 12.96
N VAL A 161 20.17 12.77 13.37
CA VAL A 161 18.93 13.24 14.04
C VAL A 161 19.15 13.48 15.55
N ILE A 162 19.18 14.74 15.97
CA ILE A 162 19.62 15.13 17.34
C ILE A 162 18.48 15.36 18.34
N ALA A 163 17.26 15.51 17.80
CA ALA A 163 16.08 15.68 18.60
C ALA A 163 14.86 15.34 17.79
N VAL A 164 13.90 14.72 18.48
CA VAL A 164 12.52 14.62 18.03
C VAL A 164 11.70 15.26 19.16
N GLU A 165 10.92 16.28 18.81
CA GLU A 165 10.19 17.01 19.81
C GLU A 165 8.74 17.14 19.41
N ASP A 166 7.92 17.44 20.41
CA ASP A 166 6.47 17.60 20.29
C ASP A 166 6.04 19.05 19.98
N GLY A 167 5.53 19.29 18.78
CA GLY A 167 5.09 20.62 18.41
C GLY A 167 3.65 20.87 18.80
N ARG A 168 2.99 19.89 19.43
CA ARG A 168 1.58 20.01 19.88
C ARG A 168 0.57 20.49 18.84
N GLY A 169 0.86 20.43 17.55
CA GLY A 169 -0.17 20.80 16.54
C GLY A 169 -0.49 22.26 16.59
N ASP A 170 0.42 23.01 17.23
CA ASP A 170 0.20 24.44 17.57
C ASP A 170 1.40 25.32 17.21
N SER A 171 1.20 26.31 16.33
CA SER A 171 2.32 27.15 15.76
C SER A 171 3.14 27.91 16.81
N LEU A 172 2.46 28.52 17.77
CA LEU A 172 3.19 29.23 18.79
C LEU A 172 4.04 28.28 19.56
N HIS A 173 3.49 27.11 19.82
CA HIS A 173 4.23 26.12 20.61
C HIS A 173 5.46 25.63 19.85
N SER A 174 5.29 25.40 18.55
CA SER A 174 6.36 24.87 17.68
C SER A 174 7.49 25.88 17.47
N ARG A 175 7.09 27.14 17.47
CA ARG A 175 8.07 28.23 17.43
C ARG A 175 8.95 28.29 18.67
N ARG A 176 8.36 28.21 19.86
CA ARG A 176 9.14 28.15 21.09
C ARG A 176 10.04 26.89 21.07
N VAL A 177 9.48 25.75 20.66
CA VAL A 177 10.26 24.50 20.57
C VAL A 177 11.41 24.66 19.59
N ALA A 178 11.11 25.10 18.36
CA ALA A 178 12.18 25.39 17.34
C ALA A 178 13.29 26.32 17.86
N HIS A 179 12.86 27.35 18.57
CA HIS A 179 13.74 28.37 19.04
C HIS A 179 14.66 27.70 20.06
N GLN A 180 14.10 26.91 20.98
CA GLN A 180 14.90 26.26 22.01
C GLN A 180 15.88 25.30 21.37
N LEU A 181 15.44 24.62 20.33
CA LEU A 181 16.34 23.72 19.58
C LEU A 181 17.54 24.41 18.92
N LEU A 182 17.30 25.58 18.35
CA LEU A 182 18.36 26.43 17.80
C LEU A 182 19.36 26.94 18.85
N GLU A 183 18.92 27.12 20.09
CA GLU A 183 19.83 27.46 21.19
C GLU A 183 20.62 26.26 21.59
N ASP A 184 19.93 25.13 21.78
CA ASP A 184 20.57 23.96 22.39
C ASP A 184 21.57 23.31 21.47
N TYR A 185 21.32 23.44 20.17
CA TYR A 185 22.12 22.78 19.12
C TYR A 185 22.69 23.79 18.16
N PRO A 186 23.91 24.26 18.45
CA PRO A 186 24.60 25.28 17.68
C PRO A 186 24.70 24.97 16.21
N ASN A 187 24.99 23.72 15.88
CA ASN A 187 25.20 23.30 14.49
C ASN A 187 23.98 22.65 13.82
N LEU A 188 22.80 22.81 14.41
CA LEU A 188 21.60 22.38 13.74
C LEU A 188 21.48 22.99 12.31
N ALA A 189 21.35 22.09 11.31
CA ALA A 189 21.29 22.45 9.90
C ALA A 189 19.89 22.38 9.26
N GLY A 190 19.01 21.52 9.80
CA GLY A 190 17.76 21.20 9.13
C GLY A 190 16.68 20.83 10.11
N ILE A 191 15.43 21.19 9.80
CA ILE A 191 14.28 20.76 10.63
C ILE A 191 13.16 20.18 9.77
N PHE A 192 12.70 18.97 10.12
CA PHE A 192 11.54 18.35 9.50
C PHE A 192 10.38 18.47 10.50
N ALA A 193 9.34 19.20 10.07
CA ALA A 193 8.02 19.20 10.74
C ALA A 193 7.08 18.21 10.04
N THR A 194 6.61 17.21 10.79
CA THR A 194 5.65 16.24 10.22
C THR A 194 4.24 16.79 10.15
N GLU A 195 4.00 17.94 10.76
CA GLU A 195 2.64 18.48 10.97
C GLU A 195 2.65 19.95 10.53
N ALA A 196 1.56 20.43 9.89
CA ALA A 196 1.59 21.77 9.21
C ALA A 196 1.80 22.95 10.10
N ASN A 197 1.14 22.92 11.25
CA ASN A 197 1.20 23.98 12.23
C ASN A 197 2.60 24.04 12.85
N GLY A 198 3.20 22.88 13.02
CA GLY A 198 4.62 22.75 13.45
C GLY A 198 5.56 23.47 12.49
N GLY A 199 5.33 23.32 11.20
CA GLY A 199 6.25 23.90 10.22
C GLY A 199 6.15 25.41 10.13
N VAL A 200 4.93 25.89 10.29
CA VAL A 200 4.67 27.31 10.29
C VAL A 200 5.41 27.93 11.51
N GLY A 201 5.36 27.28 12.65
CA GLY A 201 5.97 27.83 13.85
C GLY A 201 7.50 27.73 13.70
N VAL A 202 7.99 26.66 13.05
CA VAL A 202 9.44 26.51 12.78
C VAL A 202 9.90 27.58 11.78
N GLY A 203 9.09 27.84 10.73
CA GLY A 203 9.39 28.96 9.84
C GLY A 203 9.42 30.32 10.56
N ASP A 204 8.47 30.57 11.45
CA ASP A 204 8.44 31.86 12.19
C ASP A 204 9.66 31.96 13.09
N ALA A 205 10.09 30.86 13.71
CA ALA A 205 11.29 30.90 14.52
C ALA A 205 12.56 31.22 13.73
N VAL A 206 12.73 30.59 12.57
CA VAL A 206 13.90 30.80 11.73
C VAL A 206 13.85 32.25 11.16
N ARG A 207 12.72 32.70 10.66
CA ARG A 207 12.70 34.04 10.14
C ARG A 207 12.82 35.06 11.30
N LEU A 208 12.28 34.78 12.46
CA LEU A 208 12.46 35.76 13.56
C LEU A 208 13.86 35.81 14.09
N GLU A 209 14.63 34.82 13.72
CA GLU A 209 16.02 34.76 14.17
C GLU A 209 16.98 35.22 13.01
N SER A 210 16.38 35.74 11.92
CA SER A 210 17.07 36.15 10.69
C SER A 210 17.87 35.05 10.02
N ARG A 211 17.34 33.83 9.99
CA ARG A 211 18.10 32.71 9.54
C ARG A 211 17.48 32.01 8.29
N ALA A 212 16.60 32.71 7.57
CA ALA A 212 16.07 32.18 6.31
C ALA A 212 17.17 32.21 5.19
N GLY A 213 17.35 31.27 4.29
CA GLY A 213 17.46 29.89 4.47
C GLY A 213 18.93 29.63 4.75
N GLU A 214 19.29 29.76 5.99
CA GLU A 214 20.48 29.07 6.45
C GLU A 214 20.02 27.69 6.96
N ILE A 215 18.85 27.64 7.58
CA ILE A 215 18.33 26.43 8.24
C ILE A 215 17.36 25.80 7.27
N GLN A 216 17.57 24.53 6.91
CA GLN A 216 16.69 23.89 5.91
C GLN A 216 15.43 23.40 6.61
N ILE A 217 14.25 23.70 6.09
CA ILE A 217 13.03 23.31 6.75
C ILE A 217 12.09 22.53 5.83
N ILE A 218 11.65 21.37 6.27
CA ILE A 218 10.66 20.64 5.48
C ILE A 218 9.40 20.50 6.31
N SER A 219 8.30 20.87 5.70
CA SER A 219 7.07 20.74 6.38
C SER A 219 6.05 19.81 5.65
N PHE A 220 4.75 19.87 6.05
CA PHE A 220 3.80 18.95 5.49
C PHE A 220 2.57 19.70 5.02
N ASP A 221 1.97 19.22 3.93
CA ASP A 221 0.68 19.69 3.43
C ASP A 221 0.76 21.05 2.79
N THR A 222 -0.38 21.54 2.28
CA THR A 222 -0.32 22.72 1.43
C THR A 222 -1.23 23.84 1.87
N ASP A 223 -1.25 24.10 3.18
CA ASP A 223 -2.06 25.17 3.69
C ASP A 223 -1.49 26.47 3.18
N LYS A 224 -2.30 27.50 3.03
CA LYS A 224 -1.81 28.78 2.51
C LYS A 224 -0.58 29.34 3.23
N GLY A 225 -0.55 29.25 4.55
CA GLY A 225 0.58 29.74 5.34
C GLY A 225 1.90 29.00 5.07
N THR A 226 1.77 27.70 4.84
CA THR A 226 2.89 26.85 4.51
C THR A 226 3.41 27.26 3.14
N LEU A 227 2.49 27.44 2.17
CA LEU A 227 2.87 27.82 0.80
C LEU A 227 3.48 29.22 0.78
N ASP A 228 2.91 30.18 1.52
CA ASP A 228 3.53 31.54 1.65
C ASP A 228 4.95 31.47 2.19
N LEU A 229 5.15 30.77 3.31
CA LEU A 229 6.53 30.52 3.78
C LEU A 229 7.49 29.91 2.72
N VAL A 230 7.01 28.98 1.88
CA VAL A 230 7.83 28.36 0.82
C VAL A 230 8.09 29.41 -0.30
N ASP A 231 7.05 30.13 -0.69
CA ASP A 231 7.18 31.09 -1.77
C ASP A 231 8.16 32.22 -1.33
N GLU A 232 8.24 32.46 -0.02
CA GLU A 232 9.10 33.50 0.54
C GLU A 232 10.51 33.04 0.84
N GLY A 233 10.86 31.82 0.52
CA GLY A 233 12.21 31.31 0.73
C GLY A 233 12.56 30.87 2.15
N ILE A 234 11.54 30.79 2.98
CA ILE A 234 11.73 30.47 4.37
C ILE A 234 11.69 28.93 4.61
N ILE A 235 10.60 28.31 4.21
CA ILE A 235 10.45 26.85 4.26
C ILE A 235 11.01 26.33 2.93
N SER A 236 11.90 25.37 3.03
CA SER A 236 12.52 24.83 1.83
C SER A 236 11.62 23.90 0.95
N ALA A 237 10.77 23.10 1.61
CA ALA A 237 9.87 22.13 0.89
C ALA A 237 8.72 21.76 1.78
N THR A 238 7.66 21.33 1.15
CA THR A 238 6.51 20.78 1.87
C THR A 238 6.06 19.54 1.15
N LEU A 239 5.62 18.53 1.89
CA LEU A 239 5.13 17.29 1.27
C LEU A 239 3.63 17.41 1.06
N ALA A 240 3.20 17.40 -0.21
CA ALA A 240 1.78 17.43 -0.63
C ALA A 240 1.26 15.99 -0.84
N GLN A 241 0.19 15.64 -0.11
CA GLN A 241 -0.47 14.32 -0.14
C GLN A 241 -1.47 14.41 -1.30
N GLY A 242 -1.91 13.23 -1.78
CA GLY A 242 -2.62 13.04 -3.03
C GLY A 242 -4.09 13.09 -2.69
N THR A 243 -4.51 14.24 -2.23
CA THR A 243 -5.86 14.45 -1.73
C THR A 243 -6.85 14.36 -2.83
N TRP A 244 -6.56 14.91 -4.00
CA TRP A 244 -7.48 14.69 -5.10
C TRP A 244 -7.69 13.22 -5.37
N ASN A 245 -6.59 12.45 -5.38
CA ASN A 245 -6.65 11.01 -5.60
C ASN A 245 -7.51 10.31 -4.58
N MSE A 246 -7.32 10.65 -3.30
CA MSE A 246 -8.13 10.06 -2.24
C MSE A 246 -9.61 10.20 -2.60
O MSE A 246 -10.37 9.24 -2.51
CB MSE A 246 -7.89 10.80 -0.90
CG MSE A 246 -6.58 10.42 -0.28
SE MSE A 246 -6.08 11.58 1.21
CE MSE A 246 -4.10 11.58 1.11
N GLY A 247 -10.03 11.39 -3.03
CA GLY A 247 -11.44 11.67 -3.22
C GLY A 247 -11.92 10.95 -4.45
N TYR A 248 -11.15 11.05 -5.52
CA TYR A 248 -11.57 10.53 -6.81
C TYR A 248 -11.67 8.99 -6.75
N TRP A 249 -10.64 8.36 -6.16
CA TRP A 249 -10.65 6.91 -6.08
C TRP A 249 -11.55 6.31 -4.99
N SER A 250 -11.72 7.03 -3.87
CA SER A 250 -12.71 6.60 -2.83
C SER A 250 -14.06 6.57 -3.48
N LEU A 251 -14.49 7.68 -4.08
CA LEU A 251 -15.79 7.68 -4.70
C LEU A 251 -15.94 6.49 -5.62
N THR A 252 -14.93 6.32 -6.48
CA THR A 252 -14.97 5.33 -7.55
C THR A 252 -15.14 3.96 -6.90
N TYR A 253 -14.32 3.69 -5.92
CA TYR A 253 -14.40 2.43 -5.21
C TYR A 253 -15.76 2.23 -4.57
N LEU A 254 -16.33 3.27 -3.95
CA LEU A 254 -17.70 3.16 -3.37
C LEU A 254 -18.72 2.82 -4.42
N PHE A 255 -18.64 3.49 -5.58
CA PHE A 255 -19.59 3.29 -6.72
C PHE A 255 -19.54 1.86 -7.23
N HIS A 256 -18.31 1.35 -7.39
CA HIS A 256 -18.15 -0.02 -7.86
C HIS A 256 -18.76 -1.02 -6.90
N LEU A 257 -18.54 -0.79 -5.61
CA LEU A 257 -19.06 -1.64 -4.56
C LEU A 257 -20.55 -1.57 -4.57
N HIS A 258 -21.09 -0.36 -4.52
CA HIS A 258 -22.52 -0.18 -4.52
C HIS A 258 -23.24 -0.96 -5.65
N HIS A 259 -22.67 -0.94 -6.86
CA HIS A 259 -23.31 -1.53 -8.05
C HIS A 259 -22.87 -2.95 -8.25
N GLY A 260 -22.17 -3.48 -7.25
CA GLY A 260 -21.63 -4.83 -7.26
C GLY A 260 -20.78 -5.11 -8.49
N LEU A 261 -19.85 -4.23 -8.84
CA LEU A 261 -19.08 -4.38 -10.08
C LEU A 261 -17.83 -5.16 -9.81
N THR A 262 -17.57 -5.50 -8.56
CA THR A 262 -16.35 -6.30 -8.30
C THR A 262 -16.65 -7.79 -8.07
N GLU A 263 -15.61 -8.64 -8.20
CA GLU A 263 -15.72 -10.02 -7.91
C GLU A 263 -14.95 -10.11 -6.65
N PRO A 264 -15.68 -10.20 -5.52
CA PRO A 264 -15.05 -10.15 -4.20
C PRO A 264 -14.25 -11.39 -3.89
N GLN A 265 -13.16 -11.25 -3.14
CA GLN A 265 -12.56 -12.42 -2.48
C GLN A 265 -13.45 -12.87 -1.30
N ILE A 266 -13.46 -14.18 -0.99
CA ILE A 266 -14.33 -14.72 0.02
C ILE A 266 -13.51 -15.15 1.26
N LEU A 267 -13.81 -14.53 2.40
CA LEU A 267 -13.05 -14.73 3.65
C LEU A 267 -13.38 -16.06 4.34
N GLN A 268 -12.59 -16.44 5.35
CA GLN A 268 -12.86 -17.69 6.09
C GLN A 268 -14.29 -17.72 6.66
N THR A 269 -14.72 -16.53 7.05
CA THR A 269 -16.02 -16.25 7.63
C THR A 269 -17.13 -16.28 6.56
N ARG A 270 -16.72 -16.56 5.33
CA ARG A 270 -17.54 -16.40 4.13
C ARG A 270 -18.07 -14.96 3.83
N GLU A 271 -17.53 -13.95 4.54
CA GLU A 271 -17.77 -12.57 4.16
C GLU A 271 -16.90 -12.19 2.96
N GLU A 272 -17.25 -11.08 2.30
CA GLU A 272 -16.66 -10.65 1.03
C GLU A 272 -15.64 -9.53 1.21
N ALA A 273 -14.56 -9.53 0.41
CA ALA A 273 -13.53 -8.45 0.41
C ALA A 273 -13.57 -7.94 -1.02
N PRO A 274 -14.48 -7.02 -1.28
CA PRO A 274 -14.71 -6.68 -2.67
C PRO A 274 -13.69 -5.71 -3.29
N LEU A 275 -12.80 -5.12 -2.50
CA LEU A 275 -11.87 -4.06 -3.00
C LEU A 275 -10.41 -4.39 -2.70
N PRO A 276 -9.45 -3.71 -3.41
CA PRO A 276 -8.08 -3.77 -2.94
C PRO A 276 -7.98 -3.28 -1.52
N LEU A 277 -6.97 -3.73 -0.80
CA LEU A 277 -6.84 -3.29 0.58
C LEU A 277 -6.46 -1.81 0.75
N TYR A 278 -5.61 -1.30 -0.13
CA TYR A 278 -4.88 -0.09 0.17
C TYR A 278 -4.55 0.56 -1.16
N VAL A 279 -4.82 1.86 -1.27
CA VAL A 279 -4.36 2.61 -2.42
C VAL A 279 -3.43 3.71 -1.93
N ASP A 280 -2.13 3.64 -2.30
CA ASP A 280 -1.09 4.64 -1.90
C ASP A 280 -1.32 5.85 -2.82
N THR A 281 -1.91 6.94 -2.32
CA THR A 281 -2.31 8.06 -3.22
C THR A 281 -1.15 9.03 -3.53
N GLY A 282 0.05 8.74 -3.05
CA GLY A 282 1.23 9.50 -3.46
C GLY A 282 1.65 10.62 -2.52
N ILE A 283 2.79 11.18 -2.82
CA ILE A 283 3.32 12.32 -2.09
C ILE A 283 4.08 13.12 -3.10
N THR A 284 3.88 14.43 -3.14
CA THR A 284 4.61 15.30 -4.04
C THR A 284 5.48 16.27 -3.25
N ILE A 285 6.75 16.42 -3.66
CA ILE A 285 7.61 17.46 -3.06
C ILE A 285 7.31 18.79 -3.66
N VAL A 286 6.91 19.75 -2.83
CA VAL A 286 6.63 21.13 -3.26
C VAL A 286 7.69 22.12 -2.74
N THR A 287 8.36 22.77 -3.70
CA THR A 287 9.41 23.78 -3.45
C THR A 287 8.97 25.00 -4.28
N ASP A 288 9.80 26.03 -4.32
CA ASP A 288 9.52 27.21 -5.15
C ASP A 288 9.42 26.86 -6.62
N GLU A 289 10.11 25.83 -7.02
CA GLU A 289 9.94 25.27 -8.31
C GLU A 289 8.49 25.04 -8.69
N ASN A 290 7.72 24.42 -7.82
CA ASN A 290 6.35 24.11 -8.13
C ASN A 290 5.31 24.73 -7.28
N VAL A 291 5.67 25.59 -6.36
CA VAL A 291 4.71 26.09 -5.39
C VAL A 291 3.41 26.61 -6.03
N ASP A 292 3.54 27.28 -7.15
CA ASP A 292 2.41 27.97 -7.80
C ASP A 292 1.15 27.12 -8.01
N TYR A 293 1.34 25.91 -8.54
CA TYR A 293 0.23 24.99 -8.86
C TYR A 293 -0.58 24.49 -7.63
N TYR A 294 -0.21 24.91 -6.42
CA TYR A 294 -0.75 24.29 -5.17
C TYR A 294 -1.69 25.19 -4.39
N TYR A 295 -1.73 26.46 -4.77
CA TYR A 295 -2.63 27.44 -4.17
C TYR A 295 -4.13 27.18 -4.42
N ASN B 4 -11.38 -0.64 -31.60
CA ASN B 4 -9.88 -0.65 -31.71
C ASN B 4 -9.10 0.13 -30.69
N GLU B 5 -9.74 0.64 -29.65
CA GLU B 5 -8.99 1.04 -28.47
C GLU B 5 -8.59 -0.24 -27.71
N THR B 6 -7.30 -0.49 -27.55
CA THR B 6 -6.79 -1.77 -27.16
C THR B 6 -5.79 -1.69 -26.02
N TYR B 7 -6.03 -2.52 -25.00
CA TYR B 7 -5.22 -2.62 -23.82
C TYR B 7 -4.59 -3.95 -23.82
N MSE B 8 -3.31 -3.98 -23.57
CA MSE B 8 -2.59 -5.26 -23.61
C MSE B 8 -2.13 -5.70 -22.24
O MSE B 8 -1.65 -4.92 -21.44
CB MSE B 8 -1.40 -5.16 -24.57
CG MSE B 8 -1.88 -4.85 -25.98
SE MSE B 8 -0.34 -4.80 -27.20
CE MSE B 8 0.20 -6.72 -27.21
N MSE B 9 -2.29 -6.99 -21.98
CA MSE B 9 -1.79 -7.57 -20.76
C MSE B 9 -0.66 -8.52 -21.17
O MSE B 9 -0.85 -9.40 -22.03
CB MSE B 9 -2.91 -8.34 -20.03
CG MSE B 9 -2.38 -9.23 -18.96
SE MSE B 9 -3.68 -10.07 -17.72
CE MSE B 9 -4.11 -8.47 -16.57
N ILE B 10 0.48 -8.38 -20.51
CA ILE B 10 1.70 -9.11 -20.90
C ILE B 10 2.22 -9.86 -19.72
N THR B 11 2.37 -11.17 -19.88
CA THR B 11 2.81 -11.99 -18.75
C THR B 11 3.99 -12.86 -19.15
N PHE B 12 4.30 -13.81 -18.29
CA PHE B 12 5.32 -14.83 -18.59
C PHE B 12 4.85 -16.22 -18.12
N GLN B 13 5.39 -17.28 -18.69
CA GLN B 13 4.70 -18.59 -18.64
C GLN B 13 3.23 -18.34 -18.82
N SER B 14 2.86 -17.77 -19.95
CA SER B 14 1.61 -17.05 -20.05
C SER B 14 0.40 -17.98 -19.92
N GLY B 15 0.62 -19.27 -20.12
CA GLY B 15 -0.50 -20.19 -20.13
C GLY B 15 -0.90 -20.77 -18.78
N MSE B 16 -0.13 -20.49 -17.74
CA MSE B 16 -0.36 -21.03 -16.41
C MSE B 16 -1.62 -20.47 -15.75
O MSE B 16 -2.08 -19.36 -16.10
CB MSE B 16 0.85 -20.73 -15.51
CG MSE B 16 2.16 -21.25 -16.12
SE MSE B 16 2.33 -23.24 -16.38
CE MSE B 16 3.40 -23.57 -14.71
N ASP B 17 -2.17 -21.22 -14.78
CA ASP B 17 -3.51 -20.89 -14.23
C ASP B 17 -3.50 -19.64 -13.37
N TYR B 18 -2.38 -19.35 -12.74
CA TYR B 18 -2.24 -18.02 -12.09
C TYR B 18 -2.89 -16.83 -12.83
N TRP B 19 -2.59 -16.70 -14.11
CA TRP B 19 -2.96 -15.51 -14.90
C TRP B 19 -4.42 -15.46 -15.24
N LYS B 20 -5.15 -16.56 -15.13
CA LYS B 20 -6.51 -16.60 -15.74
C LYS B 20 -7.45 -15.60 -15.08
N ARG B 21 -7.36 -15.49 -13.78
CA ARG B 21 -8.18 -14.59 -13.04
C ARG B 21 -7.74 -13.09 -13.23
N CYS B 22 -6.45 -12.81 -13.34
CA CYS B 22 -5.97 -11.46 -13.78
C CYS B 22 -6.62 -11.08 -15.10
N LEU B 23 -6.62 -12.03 -16.06
CA LEU B 23 -7.17 -11.73 -17.38
C LEU B 23 -8.69 -11.59 -17.31
N LYS B 24 -9.34 -12.41 -16.49
CA LYS B 24 -10.77 -12.26 -16.22
C LYS B 24 -11.04 -10.84 -15.76
N GLY B 25 -10.29 -10.41 -14.76
CA GLY B 25 -10.42 -9.03 -14.23
C GLY B 25 -10.22 -7.93 -15.28
N PHE B 26 -9.16 -8.11 -16.07
CA PHE B 26 -8.84 -7.20 -17.14
C PHE B 26 -10.04 -7.15 -18.08
N GLU B 27 -10.57 -8.33 -18.45
CA GLU B 27 -11.59 -8.41 -19.47
C GLU B 27 -12.89 -7.82 -18.97
N ASP B 28 -13.20 -8.10 -17.69
CA ASP B 28 -14.35 -7.53 -16.99
C ASP B 28 -14.37 -6.00 -17.03
N ALA B 29 -13.22 -5.35 -16.71
CA ALA B 29 -13.15 -3.90 -16.81
C ALA B 29 -13.32 -3.47 -18.27
N ALA B 30 -12.70 -4.19 -19.22
CA ALA B 30 -12.78 -3.74 -20.61
C ALA B 30 -14.20 -3.79 -21.13
N GLN B 31 -14.93 -4.82 -20.71
CA GLN B 31 -16.28 -5.04 -21.20
C GLN B 31 -17.22 -3.91 -20.86
N ALA B 32 -17.15 -3.50 -19.59
CA ALA B 32 -17.89 -2.38 -19.05
C ALA B 32 -17.56 -1.03 -19.75
N LEU B 33 -16.28 -0.88 -20.14
CA LEU B 33 -15.81 0.36 -20.75
C LEU B 33 -15.94 0.37 -22.28
N ASN B 34 -16.33 -0.79 -22.82
CA ASN B 34 -16.44 -0.99 -24.26
C ASN B 34 -15.08 -0.86 -24.99
N VAL B 35 -14.04 -1.48 -24.44
CA VAL B 35 -12.75 -1.42 -25.09
C VAL B 35 -12.21 -2.84 -25.37
N THR B 36 -11.15 -2.98 -26.16
CA THR B 36 -10.75 -4.28 -26.52
C THR B 36 -9.57 -4.65 -25.66
N VAL B 37 -9.42 -5.93 -25.38
CA VAL B 37 -8.17 -6.42 -24.81
C VAL B 37 -7.39 -7.42 -25.71
N GLU B 38 -6.08 -7.50 -25.52
CA GLU B 38 -5.30 -8.59 -26.07
C GLU B 38 -4.45 -9.21 -24.97
N TYR B 39 -4.29 -10.52 -24.98
CA TYR B 39 -3.47 -11.21 -23.96
C TYR B 39 -2.26 -11.78 -24.66
N ARG B 40 -1.06 -11.39 -24.24
CA ARG B 40 0.16 -11.94 -24.82
C ARG B 40 1.15 -12.25 -23.76
N GLY B 41 2.20 -13.01 -24.08
CA GLY B 41 3.19 -13.36 -23.08
C GLY B 41 4.31 -14.26 -23.53
N ALA B 42 5.37 -14.31 -22.74
CA ALA B 42 6.35 -15.36 -22.89
C ALA B 42 5.68 -16.64 -22.51
N ALA B 43 5.68 -17.62 -23.41
CA ALA B 43 5.09 -18.91 -23.08
C ALA B 43 5.91 -19.71 -22.07
N GLN B 44 7.20 -19.41 -22.00
CA GLN B 44 8.09 -20.06 -21.01
C GLN B 44 8.52 -19.06 -19.93
N TYR B 45 9.21 -19.60 -18.94
CA TYR B 45 9.93 -18.77 -17.97
C TYR B 45 11.28 -18.34 -18.57
N ASP B 46 11.28 -17.26 -19.35
CA ASP B 46 12.45 -16.85 -20.15
C ASP B 46 12.45 -15.32 -20.29
N ILE B 47 13.51 -14.71 -19.73
CA ILE B 47 13.64 -13.23 -19.68
C ILE B 47 13.65 -12.58 -21.07
N GLN B 48 14.56 -13.08 -21.92
CA GLN B 48 14.73 -12.51 -23.25
C GLN B 48 13.44 -12.61 -24.05
N GLU B 49 12.71 -13.72 -23.86
CA GLU B 49 11.42 -13.90 -24.48
C GLU B 49 10.44 -12.82 -24.10
N GLN B 50 10.26 -12.56 -22.78
CA GLN B 50 9.35 -11.48 -22.36
C GLN B 50 9.76 -10.08 -22.86
N ILE B 51 11.06 -9.84 -22.91
CA ILE B 51 11.53 -8.55 -23.45
C ILE B 51 11.02 -8.39 -24.89
N THR B 52 11.29 -9.39 -25.74
CA THR B 52 10.83 -9.37 -27.11
C THR B 52 9.29 -9.18 -27.19
N VAL B 53 8.53 -9.87 -26.32
CA VAL B 53 7.07 -9.78 -26.34
C VAL B 53 6.71 -8.35 -26.03
N LEU B 54 7.36 -7.77 -25.05
CA LEU B 54 7.08 -6.36 -24.74
C LEU B 54 7.54 -5.37 -25.86
N GLU B 55 8.68 -5.64 -26.50
CA GLU B 55 9.10 -4.77 -27.61
C GLU B 55 8.05 -4.81 -28.73
N GLN B 56 7.57 -6.01 -29.04
CA GLN B 56 6.49 -6.15 -30.03
C GLN B 56 5.22 -5.43 -29.61
N ALA B 57 4.82 -5.54 -28.34
CA ALA B 57 3.64 -4.74 -27.87
C ALA B 57 3.86 -3.28 -28.04
N ILE B 58 5.05 -2.80 -27.66
CA ILE B 58 5.31 -1.38 -27.86
C ILE B 58 5.11 -1.01 -29.34
N ALA B 59 5.68 -1.82 -30.25
CA ALA B 59 5.59 -1.60 -31.71
C ALA B 59 4.14 -1.47 -32.23
N LYS B 60 3.18 -1.96 -31.44
CA LYS B 60 1.79 -2.09 -31.80
C LYS B 60 1.03 -0.80 -31.43
N ASN B 61 1.66 0.00 -30.58
CA ASN B 61 1.12 1.28 -30.13
C ASN B 61 -0.29 1.14 -29.50
N PRO B 62 -0.40 0.31 -28.44
CA PRO B 62 -1.75 0.11 -27.88
C PRO B 62 -2.18 1.32 -27.03
N ALA B 63 -3.45 1.38 -26.64
CA ALA B 63 -3.92 2.36 -25.65
C ALA B 63 -3.25 2.14 -24.26
N GLY B 64 -2.77 0.95 -23.97
CA GLY B 64 -1.91 0.79 -22.77
C GLY B 64 -1.48 -0.61 -22.64
N ILE B 65 -0.53 -0.79 -21.74
CA ILE B 65 0.10 -2.06 -21.42
C ILE B 65 0.07 -2.30 -19.89
N ALA B 66 -0.36 -3.50 -19.47
CA ALA B 66 -0.17 -3.91 -18.12
C ALA B 66 0.73 -5.10 -18.20
N ILE B 67 1.78 -5.11 -17.38
CA ILE B 67 2.72 -6.19 -17.50
C ILE B 67 3.17 -6.67 -16.14
N SER B 68 3.28 -7.99 -16.00
CA SER B 68 3.94 -8.56 -14.82
C SER B 68 5.38 -8.86 -15.20
N ALA B 69 6.33 -8.24 -14.53
CA ALA B 69 7.70 -8.30 -14.97
C ALA B 69 8.34 -9.57 -14.47
N ILE B 70 8.79 -10.40 -15.37
CA ILE B 70 9.51 -11.65 -14.97
C ILE B 70 10.73 -11.44 -14.04
N ASP B 71 11.40 -10.31 -14.22
CA ASP B 71 12.55 -9.93 -13.40
C ASP B 71 12.49 -8.44 -13.12
N PRO B 72 12.77 -8.05 -11.87
CA PRO B 72 12.61 -6.70 -11.39
C PRO B 72 13.58 -5.75 -12.01
N VAL B 73 14.67 -6.27 -12.55
CA VAL B 73 15.76 -5.46 -13.15
C VAL B 73 15.79 -5.55 -14.68
N GLU B 74 15.74 -6.78 -15.19
CA GLU B 74 16.12 -7.08 -16.55
C GLU B 74 15.09 -6.59 -17.53
N LEU B 75 13.91 -6.23 -17.02
CA LEU B 75 12.87 -5.64 -17.90
C LEU B 75 12.72 -4.13 -17.87
N THR B 76 13.36 -3.49 -16.90
CA THR B 76 13.33 -2.02 -16.74
C THR B 76 13.64 -1.21 -18.01
N ASP B 77 14.69 -1.55 -18.75
CA ASP B 77 14.98 -0.71 -19.91
C ASP B 77 13.87 -0.78 -20.94
N THR B 78 13.28 -1.97 -21.11
CA THR B 78 12.18 -2.12 -22.07
C THR B 78 10.91 -1.40 -21.61
N ILE B 79 10.66 -1.46 -20.31
CA ILE B 79 9.49 -0.82 -19.72
C ILE B 79 9.59 0.70 -19.96
N ASN B 80 10.79 1.24 -19.73
CA ASN B 80 11.04 2.63 -19.97
C ASN B 80 10.92 3.00 -21.41
N LYS B 81 11.10 2.04 -22.32
CA LYS B 81 10.90 2.35 -23.73
C LYS B 81 9.45 2.62 -24.01
N ALA B 82 8.58 1.88 -23.31
CA ALA B 82 7.12 2.02 -23.50
C ALA B 82 6.76 3.41 -23.00
N VAL B 83 7.28 3.73 -21.81
CA VAL B 83 7.11 5.05 -21.19
C VAL B 83 7.58 6.14 -22.18
N ASP B 84 8.80 6.01 -22.72
CA ASP B 84 9.33 7.05 -23.63
C ASP B 84 8.55 7.18 -24.92
N ALA B 85 7.86 6.08 -25.29
CA ALA B 85 7.03 6.08 -26.47
C ALA B 85 5.65 6.68 -26.20
N GLY B 86 5.31 6.96 -24.95
CA GLY B 86 4.09 7.72 -24.67
C GLY B 86 2.94 6.76 -24.46
N ILE B 87 3.25 5.49 -24.20
CA ILE B 87 2.25 4.45 -23.94
C ILE B 87 2.08 4.25 -22.42
N PRO B 88 0.84 4.48 -21.89
CA PRO B 88 0.51 4.20 -20.49
C PRO B 88 0.95 2.79 -20.20
N ILE B 89 1.66 2.61 -19.13
CA ILE B 89 2.03 1.25 -18.78
C ILE B 89 2.00 1.15 -17.24
N VAL B 90 1.37 0.11 -16.73
CA VAL B 90 1.38 -0.22 -15.31
C VAL B 90 1.94 -1.66 -15.09
N LEU B 91 2.58 -1.86 -13.94
CA LEU B 91 3.03 -3.20 -13.59
C LEU B 91 1.95 -3.82 -12.74
N PHE B 92 1.74 -5.14 -12.89
CA PHE B 92 0.89 -5.86 -11.96
C PHE B 92 1.58 -7.17 -11.55
N ASP B 93 1.24 -7.68 -10.38
CA ASP B 93 1.76 -8.95 -9.87
C ASP B 93 3.19 -8.87 -9.47
N SER B 94 4.10 -8.70 -10.40
CA SER B 94 5.54 -8.69 -10.10
C SER B 94 6.04 -7.38 -10.64
N GLY B 95 6.65 -6.58 -9.78
CA GLY B 95 7.01 -5.20 -10.12
C GLY B 95 8.36 -4.99 -10.73
N ALA B 96 8.71 -3.72 -10.97
CA ALA B 96 10.07 -3.29 -11.44
C ALA B 96 10.32 -1.90 -10.84
N PRO B 97 10.58 -1.88 -9.52
CA PRO B 97 10.58 -0.68 -8.67
C PRO B 97 11.42 0.45 -9.28
N ASP B 98 12.47 0.10 -10.02
CA ASP B 98 13.30 1.13 -10.57
C ASP B 98 12.95 1.67 -11.93
N SER B 99 11.86 1.20 -12.52
CA SER B 99 11.44 1.65 -13.84
C SER B 99 10.61 2.93 -13.73
N HIS B 100 10.34 3.61 -14.85
CA HIS B 100 9.44 4.77 -14.86
C HIS B 100 7.97 4.48 -15.13
N ALA B 101 7.54 3.24 -14.86
CA ALA B 101 6.15 2.84 -15.01
C ALA B 101 5.14 3.59 -14.11
N HIS B 102 3.87 3.63 -14.56
CA HIS B 102 2.91 4.54 -13.98
C HIS B 102 2.27 4.17 -12.63
N SER B 103 2.49 2.94 -12.17
CA SER B 103 1.79 2.40 -11.02
C SER B 103 2.11 0.92 -11.00
N PHE B 104 1.92 0.33 -9.83
CA PHE B 104 2.07 -1.11 -9.61
C PHE B 104 0.87 -1.59 -8.83
N LEU B 105 0.26 -2.69 -9.31
CA LEU B 105 -0.91 -3.26 -8.66
C LEU B 105 -0.57 -4.71 -8.28
N GLY B 106 -0.44 -5.01 -7.00
CA GLY B 106 0.11 -6.31 -6.60
C GLY B 106 0.23 -6.51 -5.12
N THR B 107 0.63 -7.71 -4.73
CA THR B 107 0.70 -8.09 -3.33
C THR B 107 1.80 -7.30 -2.66
N ASN B 108 1.62 -6.96 -1.41
CA ASN B 108 2.68 -6.48 -0.55
C ASN B 108 3.26 -7.73 0.18
N ASN B 109 4.35 -8.22 -0.33
CA ASN B 109 4.84 -9.52 0.11
C ASN B 109 5.29 -9.50 1.55
N TYR B 110 5.84 -8.37 2.02
CA TYR B 110 6.28 -8.32 3.42
C TYR B 110 5.01 -8.58 4.30
N ASN B 111 3.93 -7.88 3.94
CA ASN B 111 2.66 -7.95 4.65
C ASN B 111 2.00 -9.30 4.51
N ALA B 112 2.07 -9.89 3.29
CA ALA B 112 1.60 -11.28 3.10
C ALA B 112 2.31 -12.24 4.09
N GLY B 113 3.62 -12.07 4.29
CA GLY B 113 4.34 -12.80 5.34
C GLY B 113 3.83 -12.54 6.77
N MSE B 114 3.52 -11.26 7.05
CA MSE B 114 2.96 -10.88 8.32
C MSE B 114 1.59 -11.53 8.57
O MSE B 114 1.38 -12.13 9.64
CB MSE B 114 2.87 -9.36 8.41
CG MSE B 114 2.17 -8.84 9.63
SE MSE B 114 1.74 -6.95 9.42
CE MSE B 114 0.20 -7.06 8.12
N ASN B 115 0.69 -11.46 7.58
CA ASN B 115 -0.61 -12.19 7.63
C ASN B 115 -0.44 -13.68 7.91
N ALA B 116 0.52 -14.30 7.24
CA ALA B 116 0.85 -15.71 7.50
C ALA B 116 1.29 -15.95 8.95
N ALA B 117 2.12 -15.05 9.45
CA ALA B 117 2.54 -15.10 10.88
C ALA B 117 1.33 -15.07 11.86
N TYR B 118 0.38 -14.14 11.62
CA TYR B 118 -0.77 -14.01 12.54
C TYR B 118 -1.62 -15.23 12.52
N LYS B 119 -1.81 -15.79 11.34
CA LYS B 119 -2.60 -17.01 11.20
C LYS B 119 -1.89 -18.25 11.76
N MSE B 120 -0.57 -18.28 11.67
CA MSE B 120 0.22 -19.39 12.25
C MSE B 120 0.13 -19.32 13.75
O MSE B 120 0.05 -20.33 14.42
CB MSE B 120 1.70 -19.27 11.85
CG MSE B 120 2.63 -20.46 12.30
SE MSE B 120 2.02 -22.19 11.56
CE MSE B 120 2.95 -22.01 9.80
N ALA B 121 0.11 -18.09 14.28
CA ALA B 121 0.11 -17.81 15.70
C ALA B 121 -1.16 -18.29 16.26
N GLU B 122 -2.23 -18.10 15.49
CA GLU B 122 -3.57 -18.47 15.90
C GLU B 122 -3.73 -19.98 15.86
N LEU B 123 -3.18 -20.58 14.80
CA LEU B 123 -3.18 -22.01 14.66
C LEU B 123 -2.40 -22.68 15.81
N LEU B 124 -1.46 -21.95 16.42
CA LEU B 124 -0.53 -22.61 17.37
C LEU B 124 -0.82 -22.22 18.80
N ASP B 125 -1.94 -21.53 19.00
CA ASP B 125 -2.15 -20.76 20.23
C ASP B 125 -0.91 -19.99 20.66
N GLY B 126 -0.24 -19.37 19.71
CA GLY B 126 0.82 -18.42 20.02
C GLY B 126 2.10 -19.06 20.52
N GLU B 127 2.28 -20.35 20.36
CA GLU B 127 3.55 -20.94 20.78
C GLU B 127 3.97 -22.13 19.97
N GLY B 128 5.28 -22.28 19.79
CA GLY B 128 5.82 -23.48 19.15
C GLY B 128 6.98 -23.23 18.19
N GLU B 129 7.62 -24.33 17.78
CA GLU B 129 8.68 -24.31 16.77
C GLU B 129 8.11 -24.35 15.36
N VAL B 130 8.54 -23.41 14.53
CA VAL B 130 8.12 -23.38 13.12
C VAL B 130 9.34 -23.27 12.19
N ALA B 131 9.18 -23.69 10.96
CA ALA B 131 10.23 -23.61 9.96
C ALA B 131 9.61 -22.93 8.73
N VAL B 132 10.46 -22.43 7.85
CA VAL B 132 10.01 -21.77 6.66
C VAL B 132 10.76 -22.45 5.55
N ILE B 133 10.09 -22.64 4.42
CA ILE B 133 10.67 -23.14 3.20
C ILE B 133 10.45 -22.11 2.08
N THR B 134 11.57 -21.62 1.52
CA THR B 134 11.55 -20.44 0.67
C THR B 134 12.54 -20.43 -0.49
N LEU B 135 12.51 -19.34 -1.26
CA LEU B 135 13.48 -19.09 -2.33
C LEU B 135 14.41 -18.00 -1.86
N PRO B 136 15.64 -18.37 -1.40
CA PRO B 136 16.50 -17.43 -0.65
C PRO B 136 17.00 -16.25 -1.46
N ASN B 137 17.08 -16.42 -2.78
CA ASN B 137 17.64 -15.36 -3.64
C ASN B 137 16.59 -14.63 -4.46
N GLN B 138 15.33 -14.85 -4.12
CA GLN B 138 14.24 -14.15 -4.79
C GLN B 138 13.66 -13.13 -3.82
N LEU B 139 13.42 -11.92 -4.32
CA LEU B 139 13.12 -10.78 -3.50
C LEU B 139 11.73 -10.88 -2.91
N ASN B 140 10.78 -11.36 -3.75
CA ASN B 140 9.36 -11.55 -3.33
C ASN B 140 9.28 -12.60 -2.22
N HIS B 141 10.13 -13.61 -2.28
CA HIS B 141 10.20 -14.65 -1.22
C HIS B 141 10.95 -14.22 0.00
N GLN B 142 11.96 -13.37 -0.16
CA GLN B 142 12.70 -12.80 0.99
C GLN B 142 11.79 -11.93 1.81
N GLU B 143 10.92 -11.21 1.11
CA GLU B 143 10.01 -10.29 1.78
C GLU B 143 8.96 -11.01 2.62
N ARG B 144 8.33 -12.04 2.07
CA ARG B 144 7.41 -12.94 2.81
C ARG B 144 8.09 -13.55 4.02
N THR B 145 9.30 -14.06 3.84
CA THR B 145 10.04 -14.71 4.96
C THR B 145 10.29 -13.67 6.04
N THR B 146 10.76 -12.49 5.64
CA THR B 146 11.11 -11.42 6.59
C THR B 146 9.87 -10.97 7.32
N GLY B 147 8.78 -10.74 6.57
CA GLY B 147 7.55 -10.26 7.18
C GLY B 147 7.00 -11.23 8.20
N PHE B 148 7.15 -12.52 7.89
CA PHE B 148 6.72 -13.59 8.75
C PHE B 148 7.65 -13.61 10.00
N LYS B 149 8.97 -13.55 9.79
CA LYS B 149 9.92 -13.69 10.94
C LYS B 149 9.79 -12.46 11.87
N GLU B 150 9.88 -11.26 11.28
CA GLU B 150 9.83 -10.06 12.10
C GLU B 150 8.51 -9.86 12.81
N THR B 151 7.44 -10.47 12.32
CA THR B 151 6.15 -10.41 13.01
C THR B 151 6.17 -11.42 14.13
N LEU B 152 6.85 -12.53 13.91
CA LEU B 152 6.96 -13.46 15.00
C LEU B 152 7.84 -12.89 16.12
N GLU B 153 9.05 -12.44 15.78
CA GLU B 153 9.96 -11.73 16.69
C GLU B 153 9.23 -10.72 17.58
N ALA B 154 8.43 -9.86 16.98
CA ALA B 154 7.88 -8.71 17.67
C ALA B 154 6.62 -9.01 18.46
N GLU B 155 5.78 -9.90 17.96
CA GLU B 155 4.45 -10.01 18.52
C GLU B 155 4.24 -11.33 19.23
N PHE B 156 5.12 -12.29 18.97
CA PHE B 156 4.89 -13.68 19.38
C PHE B 156 6.19 -14.37 19.81
N PRO B 157 6.75 -13.96 20.96
CA PRO B 157 8.06 -14.38 21.49
C PRO B 157 8.21 -15.89 21.70
N ALA B 158 7.10 -16.62 21.88
CA ALA B 158 7.09 -18.05 22.23
C ALA B 158 6.99 -18.97 20.98
N ILE B 159 7.09 -18.36 19.80
CA ILE B 159 7.14 -19.07 18.54
C ILE B 159 8.50 -18.75 17.98
N GLU B 160 9.34 -19.76 17.82
CA GLU B 160 10.66 -19.52 17.25
C GLU B 160 10.77 -20.24 15.90
N VAL B 161 11.14 -19.52 14.84
CA VAL B 161 11.42 -20.23 13.60
C VAL B 161 12.86 -20.77 13.76
N ILE B 162 12.98 -22.10 13.64
CA ILE B 162 14.21 -22.85 13.98
C ILE B 162 15.07 -23.14 12.72
N ALA B 163 14.61 -22.62 11.58
CA ALA B 163 15.21 -22.96 10.29
C ALA B 163 14.43 -22.30 9.15
N VAL B 164 15.15 -21.77 8.17
CA VAL B 164 14.51 -21.41 6.92
C VAL B 164 15.28 -22.08 5.81
N GLU B 165 14.55 -22.79 4.97
CA GLU B 165 15.16 -23.71 4.06
C GLU B 165 14.79 -23.41 2.66
N ASP B 166 15.72 -23.74 1.79
CA ASP B 166 15.62 -23.46 0.38
C ASP B 166 14.86 -24.61 -0.18
N GLY B 167 13.66 -24.37 -0.71
CA GLY B 167 12.85 -25.39 -1.35
C GLY B 167 13.03 -25.46 -2.85
N ARG B 168 13.81 -24.52 -3.41
CA ARG B 168 14.15 -24.49 -4.85
C ARG B 168 12.98 -24.40 -5.88
N GLY B 169 11.74 -24.15 -5.45
CA GLY B 169 10.61 -24.17 -6.40
C GLY B 169 10.28 -25.58 -6.88
N ASP B 170 10.99 -26.56 -6.33
CA ASP B 170 10.79 -27.99 -6.63
C ASP B 170 10.22 -28.75 -5.41
N SER B 171 9.07 -29.40 -5.62
CA SER B 171 8.38 -30.08 -4.53
C SER B 171 9.18 -31.22 -3.98
N LEU B 172 9.67 -32.07 -4.89
CA LEU B 172 10.39 -33.21 -4.46
C LEU B 172 11.47 -32.75 -3.54
N HIS B 173 12.17 -31.68 -3.90
CA HIS B 173 13.22 -31.23 -3.02
C HIS B 173 12.64 -30.79 -1.68
N SER B 174 11.53 -30.03 -1.74
CA SER B 174 10.79 -29.58 -0.54
C SER B 174 10.27 -30.76 0.29
N ARG B 175 9.75 -31.82 -0.34
CA ARG B 175 9.49 -33.09 0.39
C ARG B 175 10.69 -33.58 1.20
N ARG B 176 11.83 -33.76 0.52
CA ARG B 176 13.07 -34.18 1.18
C ARG B 176 13.35 -33.25 2.36
N VAL B 177 13.18 -31.94 2.12
CA VAL B 177 13.38 -30.94 3.14
C VAL B 177 12.40 -31.05 4.32
N ALA B 178 11.12 -31.25 4.04
CA ALA B 178 10.12 -31.35 5.13
C ALA B 178 10.44 -32.60 5.96
N HIS B 179 10.61 -33.73 5.27
CA HIS B 179 11.00 -34.99 5.93
C HIS B 179 12.22 -34.78 6.82
N GLN B 180 13.30 -34.25 6.27
CA GLN B 180 14.50 -34.02 7.08
C GLN B 180 14.24 -33.07 8.26
N LEU B 181 13.46 -32.02 8.01
CA LEU B 181 12.96 -31.13 9.08
C LEU B 181 12.20 -31.86 10.17
N LEU B 182 11.32 -32.79 9.79
CA LEU B 182 10.55 -33.57 10.76
C LEU B 182 11.46 -34.47 11.59
N GLU B 183 12.46 -35.12 10.96
CA GLU B 183 13.53 -35.83 11.70
C GLU B 183 14.37 -34.91 12.58
N ASP B 184 14.81 -33.76 12.07
CA ASP B 184 15.70 -32.88 12.84
C ASP B 184 15.02 -32.18 14.02
N TYR B 185 13.72 -31.86 13.89
CA TYR B 185 13.01 -31.10 14.91
C TYR B 185 11.77 -31.83 15.40
N PRO B 186 11.94 -32.70 16.42
CA PRO B 186 10.88 -33.53 16.97
C PRO B 186 9.65 -32.71 17.39
N ASN B 187 9.89 -31.50 17.88
CA ASN B 187 8.82 -30.70 18.44
C ASN B 187 8.33 -29.64 17.49
N LEU B 188 8.56 -29.83 16.19
CA LEU B 188 8.12 -28.88 15.16
C LEU B 188 6.59 -28.83 15.06
N ALA B 189 6.02 -27.63 15.15
CA ALA B 189 4.58 -27.47 15.22
C ALA B 189 4.02 -26.91 13.92
N GLY B 190 4.89 -26.25 13.16
CA GLY B 190 4.43 -25.57 11.94
C GLY B 190 5.46 -25.34 10.85
N ILE B 191 4.98 -25.23 9.63
CA ILE B 191 5.82 -24.92 8.49
C ILE B 191 5.09 -23.89 7.61
N PHE B 192 5.77 -22.79 7.29
CA PHE B 192 5.31 -21.85 6.27
C PHE B 192 6.12 -22.01 4.97
N ALA B 193 5.44 -22.29 3.86
CA ALA B 193 6.14 -22.37 2.56
C ALA B 193 5.76 -21.13 1.78
N THR B 194 6.75 -20.39 1.27
CA THR B 194 6.36 -19.09 0.67
C THR B 194 5.93 -19.25 -0.78
N GLU B 195 6.05 -20.46 -1.27
CA GLU B 195 6.02 -20.76 -2.67
C GLU B 195 5.21 -22.04 -2.80
N ALA B 196 4.21 -22.01 -3.67
CA ALA B 196 3.32 -23.16 -3.98
C ALA B 196 3.94 -24.59 -4.10
N ASN B 197 5.05 -24.75 -4.83
CA ASN B 197 5.67 -26.08 -4.98
C ASN B 197 6.32 -26.59 -3.70
N GLY B 198 6.90 -25.70 -2.92
CA GLY B 198 7.38 -26.07 -1.57
C GLY B 198 6.25 -26.59 -0.71
N GLY B 199 5.12 -25.89 -0.79
CA GLY B 199 3.89 -26.20 -0.05
C GLY B 199 3.33 -27.58 -0.40
N VAL B 200 3.43 -27.93 -1.68
CA VAL B 200 2.94 -29.22 -2.09
C VAL B 200 3.88 -30.30 -1.58
N GLY B 201 5.17 -30.06 -1.69
CA GLY B 201 6.15 -31.01 -1.16
C GLY B 201 6.02 -31.21 0.33
N VAL B 202 5.77 -30.12 1.05
CA VAL B 202 5.56 -30.20 2.52
C VAL B 202 4.28 -30.97 2.86
N GLY B 203 3.15 -30.59 2.23
CA GLY B 203 1.90 -31.33 2.35
C GLY B 203 2.11 -32.85 2.25
N ASP B 204 2.53 -33.32 1.08
CA ASP B 204 2.75 -34.73 0.81
C ASP B 204 3.68 -35.43 1.81
N ALA B 205 4.73 -34.75 2.27
CA ALA B 205 5.62 -35.36 3.28
C ALA B 205 4.90 -35.55 4.61
N VAL B 206 4.05 -34.59 4.93
CA VAL B 206 3.35 -34.60 6.20
C VAL B 206 2.33 -35.73 6.19
N ARG B 207 1.66 -35.98 5.05
CA ARG B 207 0.66 -37.08 5.02
C ARG B 207 1.30 -38.46 4.95
N LEU B 208 2.44 -38.54 4.26
CA LEU B 208 3.25 -39.73 4.20
C LEU B 208 3.81 -40.12 5.56
N GLU B 209 3.82 -39.17 6.50
CA GLU B 209 4.38 -39.39 7.82
C GLU B 209 3.25 -39.42 8.82
N SER B 210 2.03 -39.40 8.27
CA SER B 210 0.75 -39.36 8.97
C SER B 210 0.66 -38.28 10.07
N ARG B 211 1.21 -37.10 9.79
CA ARG B 211 1.21 -35.99 10.73
C ARG B 211 0.09 -35.07 10.36
N ALA B 212 -0.74 -35.57 9.45
CA ALA B 212 -1.75 -34.80 8.70
C ALA B 212 -2.72 -33.94 9.51
N GLY B 213 -2.25 -33.32 10.59
CA GLY B 213 -3.00 -32.25 11.28
C GLY B 213 -2.37 -31.84 12.59
N GLU B 214 -1.20 -32.42 12.89
CA GLU B 214 -0.40 -31.98 14.04
C GLU B 214 0.76 -31.10 13.62
N ILE B 215 0.99 -31.00 12.30
CA ILE B 215 1.87 -29.97 11.79
C ILE B 215 0.99 -28.96 11.07
N GLN B 216 1.09 -27.72 11.48
CA GLN B 216 0.31 -26.70 10.82
C GLN B 216 1.10 -26.28 9.59
N ILE B 217 0.48 -26.30 8.41
CA ILE B 217 1.13 -25.87 7.18
C ILE B 217 0.40 -24.67 6.56
N ILE B 218 1.11 -23.56 6.34
CA ILE B 218 0.60 -22.46 5.52
C ILE B 218 1.34 -22.43 4.17
N SER B 219 0.56 -22.35 3.11
CA SER B 219 1.16 -22.19 1.78
C SER B 219 0.79 -20.89 1.04
N PHE B 220 1.14 -20.82 -0.23
CA PHE B 220 0.86 -19.62 -1.00
C PHE B 220 0.10 -20.02 -2.23
N ASP B 221 -0.77 -19.13 -2.69
CA ASP B 221 -1.44 -19.27 -3.97
C ASP B 221 -2.53 -20.35 -3.96
N THR B 222 -3.19 -20.54 -5.11
CA THR B 222 -4.43 -21.29 -5.19
C THR B 222 -4.35 -22.35 -6.32
N ASP B 223 -3.18 -22.94 -6.48
CA ASP B 223 -3.02 -24.02 -7.42
C ASP B 223 -3.89 -25.18 -6.94
N LYS B 224 -4.43 -25.96 -7.86
CA LYS B 224 -5.40 -27.00 -7.51
C LYS B 224 -4.77 -27.99 -6.52
N GLY B 225 -3.53 -28.42 -6.82
CA GLY B 225 -2.69 -29.23 -5.91
C GLY B 225 -2.70 -28.70 -4.50
N THR B 226 -2.73 -27.38 -4.35
CA THR B 226 -2.72 -26.75 -3.04
C THR B 226 -4.09 -26.82 -2.37
N LEU B 227 -5.12 -26.44 -3.12
CA LEU B 227 -6.49 -26.39 -2.61
C LEU B 227 -7.04 -27.77 -2.26
N ASP B 228 -6.51 -28.80 -2.92
CA ASP B 228 -6.89 -30.16 -2.64
C ASP B 228 -6.38 -30.54 -1.26
N LEU B 229 -5.10 -30.31 -1.03
CA LEU B 229 -4.50 -30.51 0.27
C LEU B 229 -5.16 -29.72 1.39
N VAL B 230 -5.78 -28.59 1.07
CA VAL B 230 -6.46 -27.79 2.08
C VAL B 230 -7.75 -28.50 2.45
N ASP B 231 -8.50 -28.92 1.42
CA ASP B 231 -9.78 -29.66 1.56
C ASP B 231 -9.61 -31.03 2.20
N GLU B 232 -8.45 -31.65 1.97
CA GLU B 232 -8.10 -32.92 2.60
C GLU B 232 -7.48 -32.76 3.98
N GLY B 233 -7.53 -31.55 4.51
CA GLY B 233 -7.09 -31.29 5.88
C GLY B 233 -5.60 -31.39 6.13
N ILE B 234 -4.81 -31.59 5.08
CA ILE B 234 -3.34 -31.61 5.18
C ILE B 234 -2.72 -30.19 5.28
N ILE B 235 -3.00 -29.32 4.31
CA ILE B 235 -2.58 -27.89 4.41
C ILE B 235 -3.58 -27.10 5.27
N SER B 236 -3.08 -26.43 6.31
CA SER B 236 -3.93 -25.64 7.23
C SER B 236 -4.51 -24.39 6.57
N ALA B 237 -3.66 -23.64 5.86
CA ALA B 237 -4.15 -22.47 5.11
C ALA B 237 -3.25 -22.16 3.93
N THR B 238 -3.81 -21.46 2.93
CA THR B 238 -3.00 -20.91 1.81
C THR B 238 -3.36 -19.45 1.60
N LEU B 239 -2.41 -18.62 1.18
CA LEU B 239 -2.62 -17.21 0.96
C LEU B 239 -2.90 -16.96 -0.50
N ALA B 240 -4.11 -16.47 -0.79
CA ALA B 240 -4.57 -16.14 -2.16
C ALA B 240 -4.37 -14.62 -2.44
N GLN B 241 -3.77 -14.31 -3.62
CA GLN B 241 -3.50 -12.98 -4.06
C GLN B 241 -4.76 -12.52 -4.73
N GLY B 242 -4.94 -11.20 -4.82
CA GLY B 242 -6.13 -10.58 -5.41
C GLY B 242 -5.90 -10.35 -6.90
N THR B 243 -5.93 -11.45 -7.63
CA THR B 243 -5.51 -11.45 -9.01
C THR B 243 -6.64 -10.87 -9.87
N TRP B 244 -7.89 -11.18 -9.57
CA TRP B 244 -8.97 -10.46 -10.31
C TRP B 244 -8.78 -8.98 -10.12
N ASN B 245 -8.54 -8.51 -8.90
CA ASN B 245 -8.29 -7.08 -8.59
C ASN B 245 -7.20 -6.47 -9.48
N MSE B 246 -6.05 -7.16 -9.53
CA MSE B 246 -4.94 -6.74 -10.31
C MSE B 246 -5.40 -6.46 -11.73
O MSE B 246 -5.02 -5.43 -12.29
CB MSE B 246 -3.81 -7.80 -10.36
CG MSE B 246 -3.26 -8.12 -9.04
SE MSE B 246 -1.97 -9.57 -9.18
CE MSE B 246 -1.80 -10.05 -7.30
N GLY B 247 -6.25 -7.31 -12.34
CA GLY B 247 -6.49 -7.14 -13.79
C GLY B 247 -7.48 -5.99 -14.03
N TYR B 248 -8.51 -6.00 -13.21
CA TYR B 248 -9.60 -5.02 -13.30
C TYR B 248 -9.12 -3.62 -13.01
N TRP B 249 -8.35 -3.45 -11.93
CA TRP B 249 -7.89 -2.09 -11.62
C TRP B 249 -6.72 -1.66 -12.50
N SER B 250 -5.91 -2.61 -12.97
CA SER B 250 -4.92 -2.21 -14.00
C SER B 250 -5.64 -1.66 -15.22
N LEU B 251 -6.62 -2.38 -15.72
CA LEU B 251 -7.31 -1.94 -16.95
C LEU B 251 -7.91 -0.55 -16.67
N THR B 252 -8.59 -0.43 -15.54
CA THR B 252 -9.26 0.83 -15.18
C THR B 252 -8.21 1.96 -15.10
N TYR B 253 -7.04 1.71 -14.52
CA TYR B 253 -6.03 2.75 -14.43
C TYR B 253 -5.45 3.14 -15.81
N LEU B 254 -5.13 2.14 -16.67
CA LEU B 254 -4.61 2.43 -18.01
C LEU B 254 -5.62 3.26 -18.76
N PHE B 255 -6.90 2.92 -18.64
CA PHE B 255 -7.94 3.69 -19.36
C PHE B 255 -7.97 5.15 -18.89
N HIS B 256 -7.81 5.34 -17.59
CA HIS B 256 -7.76 6.72 -17.06
C HIS B 256 -6.53 7.46 -17.62
N LEU B 257 -5.41 6.75 -17.75
CA LEU B 257 -4.17 7.38 -18.22
C LEU B 257 -4.36 7.77 -19.65
N HIS B 258 -4.76 6.79 -20.46
CA HIS B 258 -4.92 6.94 -21.89
C HIS B 258 -5.78 8.14 -22.27
N HIS B 259 -6.91 8.30 -21.59
CA HIS B 259 -7.80 9.47 -21.80
C HIS B 259 -7.54 10.73 -20.97
N GLY B 260 -6.49 10.71 -20.15
CA GLY B 260 -6.14 11.87 -19.30
C GLY B 260 -7.23 12.27 -18.32
N LEU B 261 -7.82 11.25 -17.73
CA LEU B 261 -8.95 11.41 -16.83
C LEU B 261 -8.61 11.81 -15.37
N THR B 262 -7.33 11.86 -15.00
CA THR B 262 -7.00 12.27 -13.66
C THR B 262 -6.44 13.71 -13.58
N GLU B 263 -6.45 14.33 -12.38
CA GLU B 263 -5.76 15.61 -12.11
C GLU B 263 -4.43 15.24 -11.48
N PRO B 264 -3.33 15.38 -12.27
CA PRO B 264 -1.99 14.96 -11.83
C PRO B 264 -1.28 16.00 -10.93
N GLN B 265 -0.38 15.50 -10.09
CA GLN B 265 0.44 16.33 -9.22
C GLN B 265 1.71 16.62 -10.00
N ILE B 266 2.20 17.87 -9.93
CA ILE B 266 3.33 18.45 -10.71
C ILE B 266 4.73 18.26 -10.02
N LEU B 267 5.83 18.80 -10.60
CA LEU B 267 7.18 18.70 -9.98
C LEU B 267 8.16 19.84 -10.29
N ARG B 270 8.31 20.02 -13.80
CA ARG B 270 6.92 20.39 -14.18
C ARG B 270 6.16 19.23 -14.86
N GLU B 271 6.55 18.01 -14.50
CA GLU B 271 6.05 16.80 -15.11
C GLU B 271 4.99 16.14 -14.19
N GLU B 272 3.94 15.58 -14.80
CA GLU B 272 2.73 15.19 -14.09
C GLU B 272 2.80 13.73 -13.60
N ALA B 273 2.22 13.48 -12.41
CA ALA B 273 2.18 12.15 -11.74
C ALA B 273 0.69 11.74 -11.60
N PRO B 274 0.17 10.97 -12.58
CA PRO B 274 -1.31 10.96 -12.78
C PRO B 274 -2.06 9.90 -11.98
N LEU B 275 -1.33 8.95 -11.42
CA LEU B 275 -1.93 7.84 -10.76
C LEU B 275 -1.31 7.59 -9.39
N PRO B 276 -2.14 7.02 -8.47
CA PRO B 276 -1.65 6.48 -7.23
C PRO B 276 -0.57 5.49 -7.63
N LEU B 277 0.54 5.53 -6.92
CA LEU B 277 1.73 4.71 -7.19
C LEU B 277 1.52 3.21 -7.00
N TYR B 278 0.62 2.83 -6.11
CA TYR B 278 0.61 1.44 -5.68
C TYR B 278 -0.77 1.10 -5.24
N VAL B 279 -1.24 -0.04 -5.73
CA VAL B 279 -2.50 -0.52 -5.25
C VAL B 279 -2.24 -1.88 -4.61
N ASP B 280 -2.50 -1.99 -3.32
CA ASP B 280 -2.28 -3.26 -2.60
C ASP B 280 -3.54 -4.08 -2.84
N THR B 281 -3.45 -5.11 -3.68
CA THR B 281 -4.63 -5.85 -4.13
C THR B 281 -5.10 -6.93 -3.13
N GLY B 282 -4.35 -7.16 -2.05
CA GLY B 282 -4.92 -7.91 -0.94
C GLY B 282 -4.39 -9.31 -0.89
N ILE B 283 -4.45 -9.89 0.29
CA ILE B 283 -4.19 -11.30 0.46
C ILE B 283 -5.36 -11.88 1.28
N THR B 284 -5.86 -13.04 0.84
CA THR B 284 -6.91 -13.74 1.55
C THR B 284 -6.44 -15.11 2.09
N ILE B 285 -6.61 -15.30 3.38
CA ILE B 285 -6.43 -16.61 4.02
C ILE B 285 -7.54 -17.63 3.65
N VAL B 286 -7.10 -18.74 3.04
CA VAL B 286 -8.00 -19.79 2.60
C VAL B 286 -7.74 -21.08 3.38
N THR B 287 -8.80 -21.57 4.04
CA THR B 287 -8.81 -22.81 4.82
C THR B 287 -9.93 -23.70 4.25
N ASP B 288 -10.17 -24.85 4.88
CA ASP B 288 -11.28 -25.72 4.45
C ASP B 288 -12.64 -24.99 4.60
N GLU B 289 -12.69 -23.97 5.45
CA GLU B 289 -13.86 -23.13 5.60
C GLU B 289 -14.31 -22.32 4.34
N ASN B 290 -13.36 -21.86 3.51
CA ASN B 290 -13.68 -21.10 2.24
C ASN B 290 -13.10 -21.72 0.97
N VAL B 291 -12.33 -22.80 1.11
CA VAL B 291 -11.58 -23.37 -0.02
C VAL B 291 -12.42 -23.60 -1.27
N ASP B 292 -13.70 -23.88 -1.08
CA ASP B 292 -14.60 -24.21 -2.20
C ASP B 292 -14.70 -23.09 -3.23
N TYR B 293 -14.61 -21.85 -2.80
CA TYR B 293 -14.78 -20.73 -3.71
C TYR B 293 -13.54 -20.45 -4.56
N TYR B 294 -12.45 -21.19 -4.35
CA TYR B 294 -11.20 -20.87 -5.03
C TYR B 294 -10.79 -21.79 -6.18
N TYR B 295 -11.66 -22.76 -6.50
CA TYR B 295 -11.46 -23.67 -7.64
C TYR B 295 -11.96 -23.06 -8.97
#